data_2LI4
#
_entry.id   2LI4
#
_entity_poly.entity_id   1
_entity_poly.type   'polyribonucleotide'
_entity_poly.pdbx_seq_one_letter_code
;GGACCGAUAAGGUAGAAAUGCCUUAUCGGUCC
;
_entity_poly.pdbx_strand_id   A
#